data_1NZM
#
_entry.id   1NZM
#
loop_
_entity.id
_entity.type
_entity.pdbx_description
1 polymer "5'-D(*TP*TP*AP*GP*GP*GP*T)-3'"
2 non-polymer 'POTASSIUM ION'
3 non-polymer 3,11-DIFLUORO-6,8,13-TRIMETHYL-8H-QUINO[4,3,2-KL]ACRIDIN-13-IUM
#
_entity_poly.entity_id   1
_entity_poly.type   'polydeoxyribonucleotide'
_entity_poly.pdbx_seq_one_letter_code
;(DT)(DT)(DA)(DG)(DG)(DG)(DT)
;
_entity_poly.pdbx_strand_id   A,B,C,D
#